data_5W0G
#
_entry.id   5W0G
#
_cell.length_a   28.707
_cell.length_b   28.707
_cell.length_c   185.851
_cell.angle_alpha   90.00
_cell.angle_beta   90.00
_cell.angle_gamma   90.00
#
_symmetry.space_group_name_H-M   'P 43 21 2'
#
loop_
_entity.id
_entity.type
_entity.pdbx_description
1 polymer 'Splicing factor U2AF 65 kDa subunit'
2 non-polymer 'ZINC ION'
3 non-polymer 'ACETATE ION'
4 non-polymer 2-(2-{2-[2-(2-METHOXY-ETHOXY)-ETHOXY]-ETHOXY}-ETHOXY)-ETHANOL
5 water water
#
_entity_poly.entity_id   1
_entity_poly.type   'polypeptide(L)'
_entity_poly.pdbx_seq_one_letter_code
;GPLGSARRLYVGNIPFGITEEAMMDFFNAQMRLGGLTQAPGNPVLAVQINQDKNFAFLEFRSVDETTQAMAFDGIIFQGQ
SLKIRRP
;
_entity_poly.pdbx_strand_id   A
#
loop_
_chem_comp.id
_chem_comp.type
_chem_comp.name
_chem_comp.formula
1PG non-polymer 2-(2-{2-[2-(2-METHOXY-ETHOXY)-ETHOXY]-ETHOXY}-ETHOXY)-ETHANOL 'C11 H24 O6'
ACT non-polymer 'ACETATE ION' 'C2 H3 O2 -1'
ZN non-polymer 'ZINC ION' 'Zn 2'
#
# COMPACT_ATOMS: atom_id res chain seq x y z
C LEU A 3 13.30 -1.58 7.74
N GLY A 4 13.96 -0.45 7.50
CA GLY A 4 13.42 0.52 6.57
C GLY A 4 12.92 -0.07 5.26
N SER A 5 13.72 -0.84 4.52
N SER A 5 13.70 -0.84 4.49
CA SER A 5 13.28 -1.56 3.32
CA SER A 5 13.20 -1.53 3.31
C SER A 5 12.25 -2.64 3.66
C SER A 5 12.19 -2.61 3.67
N ALA A 6 12.28 -3.17 4.87
CA ALA A 6 11.30 -4.12 5.34
C ALA A 6 9.98 -3.47 5.71
N ARG A 7 9.88 -2.13 5.63
CA ARG A 7 8.63 -1.43 5.87
C ARG A 7 8.09 -0.71 4.65
N ARG A 8 8.57 -1.05 3.48
CA ARG A 8 8.05 -0.45 2.26
C ARG A 8 7.71 -1.48 1.21
N LEU A 9 6.72 -1.15 0.39
CA LEU A 9 6.39 -1.94 -0.79
C LEU A 9 6.31 -1.03 -2.01
N TYR A 10 6.74 -1.58 -3.14
CA TYR A 10 6.49 -0.97 -4.44
C TYR A 10 5.06 -1.27 -4.85
N VAL A 11 4.38 -0.25 -5.37
CA VAL A 11 3.02 -0.40 -5.91
C VAL A 11 3.00 0.24 -7.29
N GLY A 12 2.86 -0.60 -8.32
CA GLY A 12 2.88 -0.15 -9.69
C GLY A 12 1.50 -0.16 -10.31
N ASN A 13 1.43 0.49 -11.47
CA ASN A 13 0.19 0.58 -12.24
C ASN A 13 -0.87 1.38 -11.49
N ILE A 14 -0.42 2.41 -10.77
CA ILE A 14 -1.35 3.25 -10.02
C ILE A 14 -2.16 4.12 -10.96
N PRO A 15 -3.36 4.54 -10.56
CA PRO A 15 -4.11 5.47 -11.41
C PRO A 15 -3.37 6.78 -11.56
N PHE A 16 -3.32 7.29 -12.79
CA PHE A 16 -2.70 8.59 -12.98
C PHE A 16 -3.46 9.66 -12.20
N GLY A 17 -2.72 10.53 -11.53
CA GLY A 17 -3.32 11.66 -10.85
C GLY A 17 -3.80 11.38 -9.44
N ILE A 18 -3.71 10.14 -8.99
CA ILE A 18 -4.13 9.79 -7.64
C ILE A 18 -3.32 10.59 -6.62
N THR A 19 -3.91 10.79 -5.45
CA THR A 19 -3.22 11.46 -4.37
C THR A 19 -2.68 10.44 -3.39
N GLU A 20 -1.69 10.89 -2.64
CA GLU A 20 -1.15 10.07 -1.55
C GLU A 20 -2.24 9.73 -0.54
N GLU A 21 -3.09 10.70 -0.20
CA GLU A 21 -4.16 10.45 0.76
C GLU A 21 -5.12 9.40 0.27
N ALA A 22 -5.49 9.46 -1.01
CA ALA A 22 -6.43 8.47 -1.54
C ALA A 22 -5.83 7.08 -1.47
N MET A 23 -4.55 6.92 -1.81
N MET A 23 -4.57 6.93 -1.85
CA MET A 23 -3.94 5.60 -1.76
CA MET A 23 -3.90 5.65 -1.76
C MET A 23 -3.80 5.11 -0.33
C MET A 23 -3.86 5.15 -0.33
N MET A 24 -3.39 5.99 0.57
CA MET A 24 -3.27 5.62 1.97
CA MET A 24 -3.28 5.63 1.98
C MET A 24 -4.62 5.20 2.55
N ASP A 25 -5.66 5.98 2.28
CA ASP A 25 -6.99 5.71 2.82
C ASP A 25 -7.53 4.38 2.31
N PHE A 26 -7.29 4.10 1.03
CA PHE A 26 -7.75 2.85 0.45
C PHE A 26 -7.03 1.68 1.09
N PHE A 27 -5.70 1.72 1.16
CA PHE A 27 -4.99 0.62 1.78
C PHE A 27 -5.33 0.44 3.25
N ASN A 28 -5.43 1.55 3.99
CA ASN A 28 -5.76 1.42 5.41
C ASN A 28 -7.13 0.79 5.60
N ALA A 29 -8.12 1.27 4.85
CA ALA A 29 -9.47 0.73 4.98
C ALA A 29 -9.51 -0.73 4.58
N GLN A 30 -8.91 -1.08 3.44
CA GLN A 30 -9.04 -2.43 2.92
C GLN A 30 -8.22 -3.42 3.72
N MET A 31 -7.02 -3.03 4.18
CA MET A 31 -6.24 -3.94 5.02
C MET A 31 -6.98 -4.22 6.33
N ARG A 32 -7.56 -3.19 6.93
CA ARG A 32 -8.29 -3.40 8.17
C ARG A 32 -9.52 -4.27 7.95
N LEU A 33 -10.29 -3.97 6.91
CA LEU A 33 -11.49 -4.76 6.63
C LEU A 33 -11.15 -6.21 6.34
N GLY A 34 -10.05 -6.45 5.63
CA GLY A 34 -9.66 -7.78 5.25
C GLY A 34 -8.97 -8.59 6.32
N GLY A 35 -8.78 -8.03 7.51
CA GLY A 35 -8.14 -8.77 8.58
C GLY A 35 -6.64 -8.91 8.46
N LEU A 36 -5.99 -8.00 7.73
N LEU A 36 -5.98 -8.03 7.71
CA LEU A 36 -4.54 -8.00 7.52
CA LEU A 36 -4.53 -8.15 7.60
C LEU A 36 -3.78 -7.26 8.60
C LEU A 36 -3.81 -7.61 8.82
N THR A 37 -4.45 -6.76 9.62
CA THR A 37 -3.82 -6.20 10.79
C THR A 37 -4.17 -7.08 11.98
N GLN A 38 -3.29 -7.08 12.98
CA GLN A 38 -3.50 -7.80 14.23
C GLN A 38 -3.50 -6.81 15.42
N ALA A 39 -3.02 -5.59 15.21
CA ALA A 39 -2.96 -4.57 16.24
C ALA A 39 -3.84 -3.38 15.83
N PRO A 40 -4.42 -2.68 16.80
CA PRO A 40 -5.26 -1.52 16.49
C PRO A 40 -4.52 -0.47 15.66
N GLY A 41 -5.29 0.23 14.84
CA GLY A 41 -4.80 1.40 14.13
C GLY A 41 -4.55 1.14 12.65
N ASN A 42 -4.02 2.18 12.01
CA ASN A 42 -3.79 2.19 10.57
C ASN A 42 -2.38 1.76 10.20
N PRO A 43 -2.35 0.71 9.29
CA PRO A 43 -1.02 0.20 8.94
C PRO A 43 -0.12 1.06 8.03
N VAL A 44 -0.69 1.90 7.19
CA VAL A 44 0.09 2.68 6.22
C VAL A 44 0.32 4.06 6.81
N LEU A 45 1.61 4.45 6.89
CA LEU A 45 2.04 5.77 7.37
C LEU A 45 2.10 6.81 6.28
N ALA A 46 2.53 6.43 5.09
CA ALA A 46 2.85 7.41 4.07
C ALA A 46 2.88 6.71 2.73
N VAL A 47 2.73 7.52 1.69
CA VAL A 47 2.80 7.08 0.31
C VAL A 47 3.66 8.09 -0.42
N GLN A 48 4.63 7.62 -1.18
CA GLN A 48 5.46 8.46 -2.04
C GLN A 48 5.18 8.06 -3.47
N ILE A 49 4.59 8.95 -4.24
CA ILE A 49 4.28 8.69 -5.64
C ILE A 49 5.39 9.23 -6.54
N ASN A 50 5.90 8.44 -7.43
CA ASN A 50 7.05 8.90 -8.18
C ASN A 50 6.77 10.11 -9.02
N GLN A 51 7.86 10.80 -9.39
CA GLN A 51 7.78 11.98 -10.24
C GLN A 51 6.85 11.80 -11.44
N LYS A 53 6.46 7.83 -13.33
CA LYS A 53 6.65 6.48 -13.83
C LYS A 53 5.50 5.56 -13.39
N ASN A 54 4.39 6.15 -12.97
CA ASN A 54 3.22 5.37 -12.62
C ASN A 54 3.34 4.41 -11.43
N PHE A 55 4.09 4.78 -10.40
CA PHE A 55 4.23 3.92 -9.26
C PHE A 55 4.42 4.72 -7.99
N ALA A 56 4.28 4.01 -6.89
CA ALA A 56 4.45 4.59 -5.57
C ALA A 56 5.19 3.61 -4.67
N PHE A 57 5.74 4.14 -3.60
CA PHE A 57 6.14 3.31 -2.48
C PHE A 57 5.20 3.58 -1.32
N LEU A 58 4.69 2.51 -0.73
N LEU A 58 4.66 2.50 -0.76
CA LEU A 58 3.91 2.62 0.50
CA LEU A 58 3.92 2.54 0.50
C LEU A 58 4.84 2.33 1.66
C LEU A 58 4.94 2.38 1.63
N GLU A 59 4.77 3.17 2.68
CA GLU A 59 5.53 2.99 3.91
C GLU A 59 4.56 2.59 5.00
N PHE A 60 4.85 1.48 5.65
CA PHE A 60 4.03 0.92 6.69
C PHE A 60 4.63 1.19 8.07
N ARG A 61 3.79 1.11 9.08
CA ARG A 61 4.26 1.31 10.44
C ARG A 61 5.00 0.11 11.01
N SER A 62 4.92 -1.07 10.38
CA SER A 62 5.51 -2.27 10.93
C SER A 62 5.98 -3.17 9.80
N VAL A 63 6.96 -4.02 10.11
CA VAL A 63 7.38 -5.06 9.18
C VAL A 63 6.26 -6.07 8.98
N ASP A 64 5.50 -6.38 10.04
CA ASP A 64 4.40 -7.33 9.95
C ASP A 64 3.40 -6.89 8.88
N GLU A 65 2.93 -5.64 8.97
CA GLU A 65 1.88 -5.20 8.06
C GLU A 65 2.38 -5.01 6.64
N THR A 66 3.66 -4.69 6.48
CA THR A 66 4.26 -4.68 5.15
C THR A 66 4.14 -6.05 4.51
N THR A 67 4.50 -7.09 5.26
CA THR A 67 4.37 -8.45 4.74
C THR A 67 2.94 -8.79 4.43
N GLN A 68 2.00 -8.42 5.33
CA GLN A 68 0.61 -8.79 5.08
C GLN A 68 0.08 -8.17 3.79
N ALA A 69 0.51 -6.94 3.49
CA ALA A 69 0.01 -6.22 2.32
C ALA A 69 0.41 -6.88 1.01
N MET A 70 1.44 -7.72 1.14
CA MET A 70 1.71 -8.54 -0.18
C MET A 70 0.48 -9.43 -0.67
N ALA A 71 -0.43 -9.67 0.27
CA ALA A 71 -1.65 -10.38 -0.10
C ALA A 71 -2.53 -9.56 -1.02
N PHE A 72 -2.30 -8.26 -1.13
CA PHE A 72 -3.08 -7.39 -1.98
C PHE A 72 -2.46 -7.20 -3.36
N ASP A 73 -1.44 -7.95 -3.73
CA ASP A 73 -0.97 -7.89 -5.12
C ASP A 73 -2.14 -8.19 -6.04
N GLY A 74 -2.36 -7.31 -7.01
CA GLY A 74 -3.47 -7.43 -7.94
C GLY A 74 -4.77 -6.81 -7.49
N ILE A 75 -4.82 -6.22 -6.29
CA ILE A 75 -6.05 -5.58 -5.85
C ILE A 75 -6.46 -4.49 -6.85
N ILE A 76 -7.77 -4.34 -7.02
CA ILE A 76 -8.31 -3.35 -7.95
C ILE A 76 -8.57 -2.05 -7.20
N PHE A 77 -7.98 -0.97 -7.70
CA PHE A 77 -8.10 0.35 -7.09
C PHE A 77 -8.42 1.32 -8.20
N GLN A 78 -9.57 1.98 -8.12
CA GLN A 78 -10.03 2.90 -9.15
C GLN A 78 -9.88 2.28 -10.54
N GLY A 79 -10.28 1.02 -10.65
CA GLY A 79 -10.31 0.34 -11.93
C GLY A 79 -8.96 -0.14 -12.46
N GLN A 80 -7.89 -0.05 -11.68
CA GLN A 80 -6.57 -0.52 -12.07
C GLN A 80 -6.13 -1.69 -11.20
N SER A 81 -5.45 -2.64 -11.81
CA SER A 81 -4.84 -3.76 -11.09
C SER A 81 -3.48 -3.33 -10.55
N LEU A 82 -3.36 -3.23 -9.24
CA LEU A 82 -2.11 -2.76 -8.65
C LEU A 82 -1.10 -3.88 -8.57
N LYS A 83 0.14 -3.58 -8.95
CA LYS A 83 1.24 -4.53 -8.90
C LYS A 83 2.03 -4.26 -7.64
N ILE A 84 2.00 -5.18 -6.68
CA ILE A 84 2.65 -4.98 -5.38
C ILE A 84 3.83 -5.93 -5.29
N ARG A 85 5.01 -5.37 -4.95
N ARG A 85 4.99 -5.40 -4.93
CA ARG A 85 6.26 -6.10 -4.91
CA ARG A 85 6.14 -6.27 -4.73
C ARG A 85 7.11 -5.60 -3.75
C ARG A 85 7.09 -5.64 -3.73
N ARG A 86 7.99 -6.46 -3.24
CA ARG A 86 9.04 -5.99 -2.38
C ARG A 86 9.94 -5.04 -3.14
N PRO A 87 10.45 -3.99 -2.50
CA PRO A 87 11.47 -3.17 -3.13
C PRO A 87 12.78 -3.92 -3.09
ZN ZN B . 3.50 13.33 0.86
ZN ZN C . -8.21 10.59 4.25
C ACT D . -2.09 14.59 -0.06
O ACT D . -1.29 15.28 -0.82
OXT ACT D . -2.54 13.52 -0.56
CH3 ACT D . -2.60 15.19 1.21
H1 ACT D . -3.29 14.50 1.68
H2 ACT D . -3.12 16.12 0.98
H3 ACT D . -1.75 15.40 1.88
C2 1PG E . -11.45 -13.19 -8.74
C1 1PG E . -12.13 -15.20 -9.60
O1 1PG E . -11.21 -14.17 -9.70
O2 1PG E . -11.09 -11.19 -7.79
C3 1PG E . -10.64 -11.92 -8.90
C4 1PG E . -11.16 -9.84 -8.01
C5 1PG E . -9.75 -9.45 -8.38
O3 1PG E . -8.80 -10.12 -7.60
C6 1PG E . -7.54 -9.55 -7.84
C7 1PG E . -6.56 -9.91 -6.72
O4 1PG E . -6.96 -9.31 -5.52
C8 1PG E . -6.15 -9.61 -4.42
C9 1PG E . -6.62 -8.80 -3.21
O5 1PG E . -7.87 -9.28 -2.80
C10 1PG E . -8.46 -8.55 -1.74
C11 1PG E . -9.06 -7.26 -2.28
O6 1PG E . -10.43 -7.19 -1.98
H21 1PG E . -12.39 -12.94 -8.79
H22 1PG E . -11.28 -13.56 -7.87
H11 1PG E . -12.47 -15.41 -10.48
H12 1PG E . -12.86 -14.95 -9.01
H13 1PG E . -11.69 -15.99 -9.23
H31 1PG E . -9.69 -12.10 -8.83
H32 1PG E . -10.86 -11.47 -9.72
H41 1PG E . -11.78 -9.66 -8.72
H42 1PG E . -11.44 -9.39 -7.20
H51 1PG E . -9.60 -9.63 -9.32
H52 1PG E . -9.67 -8.50 -8.24
H61 1PG E . -7.19 -9.89 -8.67
H62 1PG E . -7.61 -8.60 -7.89
H71 1PG E . -6.54 -10.88 -6.61
H72 1PG E . -5.67 -9.60 -6.96
H81 1PG E . -6.23 -10.56 -4.22
H82 1PG E . -5.24 -9.39 -4.62
H91 1PG E . -5.98 -8.89 -2.49
H92 1PG E . -6.70 -7.87 -3.47
H101 1PG E . -9.15 -9.09 -1.33
H102 1PG E . -7.79 -8.35 -1.08
H111 1PG E . -8.95 -7.21 -3.24
H112 1PG E . -8.61 -6.52 -1.87
HO6 1PG E . -10.74 -6.45 -2.26
#